data_6P9C
#
_entry.id   6P9C
#
_cell.length_a   72.604
_cell.length_b   76.749
_cell.length_c   101.188
_cell.angle_alpha   90.000
_cell.angle_beta   90.000
_cell.angle_gamma   90.000
#
_symmetry.space_group_name_H-M   'P 21 21 21'
#
loop_
_entity.id
_entity.type
_entity.pdbx_description
1 polymer Beta-lactamase
2 non-polymer '(4R,5S)-5-[(2S,3R)-3-hydroxy-1-oxobutan-2-yl]-4-methyl-3-({(3S,5S)-5-[(sulfamoylamino)methyl]pyrrolidin-3-yl}sulfanyl)-4,5-dihydro-1H-pyrrole-2-carboxylic acid'
3 non-polymer Doripenem
4 non-polymer 'CHLORIDE ION'
5 non-polymer 'CALCIUM ION'
6 non-polymer 'CADMIUM ION'
7 water water
#
_entity_poly.entity_id   1
_entity_poly.type   'polypeptide(L)'
_entity_poly.pdbx_seq_one_letter_code
;MRVLALSAVFLVASIIGMPAVAKEWQENKSWNAHFTEHKSQGVVVLWNENKQQGFTNNLKRANQAFLPASTFKIPNSLIA
LDLGVVKDEHQVFKWDGQTRDIATWNRDHNLITAMKYSVVPVYQEFARQIGEARMSKMLHAFDYGNEDISGNVDSFWLDG
GIRISATEQISFLRKLYHNKLHVSERSQRIVKQAMLTEANGDYIIRAKTGYSTRIEPKIGWWVGWVELDDNVWFFAMNMD
MPTSDGLGLRQAITKEVLKQEKIIP
;
_entity_poly.pdbx_strand_id   A,B
#
# COMPACT_ATOMS: atom_id res chain seq x y z
N GLU A 24 -27.14 -12.48 -3.16
CA GLU A 24 -27.15 -13.81 -3.76
C GLU A 24 -25.75 -14.42 -3.77
N TRP A 25 -25.72 -15.75 -3.77
CA TRP A 25 -24.50 -16.54 -3.85
C TRP A 25 -24.63 -17.51 -5.01
N GLN A 26 -23.80 -17.33 -6.03
CA GLN A 26 -23.78 -18.20 -7.19
C GLN A 26 -22.71 -19.26 -7.02
N GLU A 27 -23.02 -20.48 -7.41
CA GLU A 27 -22.02 -21.55 -7.36
C GLU A 27 -21.39 -21.68 -8.72
N ASN A 28 -20.05 -21.75 -8.76
CA ASN A 28 -19.32 -21.93 -10.01
C ASN A 28 -18.41 -23.15 -9.84
N LYS A 29 -18.94 -24.33 -10.19
CA LYS A 29 -18.16 -25.56 -10.00
C LYS A 29 -16.97 -25.64 -10.94
N SER A 30 -16.96 -24.85 -12.01
CA SER A 30 -15.83 -24.87 -12.94
C SER A 30 -14.52 -24.47 -12.28
N TRP A 31 -14.57 -23.76 -11.15
CA TRP A 31 -13.34 -23.40 -10.45
C TRP A 31 -12.63 -24.61 -9.85
N ASN A 32 -13.36 -25.70 -9.62
CA ASN A 32 -12.78 -26.90 -9.03
C ASN A 32 -11.64 -27.47 -9.85
N ALA A 33 -11.63 -27.20 -11.16
CA ALA A 33 -10.52 -27.66 -11.99
C ALA A 33 -9.18 -27.16 -11.47
N HIS A 34 -9.16 -26.00 -10.81
CA HIS A 34 -7.90 -25.49 -10.27
C HIS A 34 -7.49 -26.19 -8.99
N PHE A 35 -8.44 -26.75 -8.24
CA PHE A 35 -8.04 -27.55 -7.08
C PHE A 35 -7.58 -28.95 -7.52
N THR A 36 -8.35 -29.59 -8.41
CA THR A 36 -8.06 -30.97 -8.76
C THR A 36 -6.74 -31.11 -9.51
N GLU A 37 -6.43 -30.15 -10.39
CA GLU A 37 -5.15 -30.20 -11.09
C GLU A 37 -3.96 -30.07 -10.14
N HIS A 38 -4.16 -29.63 -8.90
CA HIS A 38 -3.12 -29.59 -7.89
C HIS A 38 -3.34 -30.62 -6.80
N LYS A 39 -4.15 -31.65 -7.08
CA LYS A 39 -4.38 -32.75 -6.14
C LYS A 39 -4.87 -32.22 -4.80
N SER A 40 -5.73 -31.21 -4.86
CA SER A 40 -6.14 -30.49 -3.66
C SER A 40 -7.66 -30.42 -3.62
N GLN A 41 -8.19 -30.03 -2.46
CA GLN A 41 -9.60 -29.70 -2.32
C GLN A 41 -9.70 -28.44 -1.47
N GLY A 42 -10.67 -27.59 -1.79
CA GLY A 42 -10.81 -26.35 -1.04
C GLY A 42 -11.96 -25.55 -1.58
N VAL A 43 -12.07 -24.32 -1.08
CA VAL A 43 -13.13 -23.42 -1.47
C VAL A 43 -12.51 -22.06 -1.73
N VAL A 44 -12.96 -21.40 -2.79
CA VAL A 44 -12.67 -19.99 -3.06
C VAL A 44 -14.00 -19.27 -3.02
N VAL A 45 -14.05 -18.16 -2.28
CA VAL A 45 -15.23 -17.30 -2.20
C VAL A 45 -14.83 -15.92 -2.72
N LEU A 46 -15.61 -15.39 -3.64
CA LEU A 46 -15.39 -14.04 -4.17
C LEU A 46 -16.61 -13.18 -3.93
N TRP A 47 -16.38 -11.88 -3.73
CA TRP A 47 -17.47 -10.94 -3.53
C TRP A 47 -17.22 -9.71 -4.38
N ASN A 48 -18.17 -9.42 -5.26
CA ASN A 48 -18.14 -8.26 -6.12
C ASN A 48 -18.81 -7.14 -5.34
N GLU A 49 -18.01 -6.16 -4.90
CA GLU A 49 -18.56 -5.13 -4.02
C GLU A 49 -19.59 -4.27 -4.74
N ASN A 50 -19.30 -3.87 -5.97
CA ASN A 50 -20.25 -3.04 -6.71
C ASN A 50 -21.57 -3.76 -6.89
N LYS A 51 -21.53 -5.02 -7.33
CA LYS A 51 -22.74 -5.76 -7.64
C LYS A 51 -23.39 -6.36 -6.40
N GLN A 52 -22.70 -6.37 -5.26
CA GLN A 52 -23.21 -6.99 -4.04
C GLN A 52 -23.61 -8.43 -4.31
N GLN A 53 -22.68 -9.17 -4.93
CA GLN A 53 -22.92 -10.55 -5.35
C GLN A 53 -21.70 -11.41 -5.04
N GLY A 54 -21.94 -12.60 -4.53
CA GLY A 54 -20.90 -13.53 -4.15
C GLY A 54 -20.89 -14.75 -5.05
N PHE A 55 -19.71 -15.35 -5.20
CA PHE A 55 -19.46 -16.48 -6.08
C PHE A 55 -18.54 -17.47 -5.36
N THR A 56 -18.82 -18.76 -5.49
CA THR A 56 -17.94 -19.76 -4.89
C THR A 56 -18.08 -21.07 -5.63
N ASN A 57 -17.05 -21.91 -5.51
CA ASN A 57 -17.14 -23.27 -6.05
C ASN A 57 -17.87 -24.24 -5.12
N ASN A 58 -18.03 -23.90 -3.83
CA ASN A 58 -18.57 -24.84 -2.85
C ASN A 58 -19.32 -24.06 -1.78
N LEU A 59 -20.64 -23.95 -1.94
CA LEU A 59 -21.43 -23.17 -1.00
C LEU A 59 -21.36 -23.73 0.41
N LYS A 60 -21.34 -25.06 0.54
CA LYS A 60 -21.29 -25.63 1.89
C LYS A 60 -19.95 -25.33 2.55
N ARG A 61 -18.84 -25.61 1.87
CA ARG A 61 -17.55 -25.33 2.51
C ARG A 61 -17.33 -23.83 2.68
N ALA A 62 -17.92 -23.01 1.82
CA ALA A 62 -17.78 -21.56 1.97
C ALA A 62 -18.28 -21.09 3.33
N ASN A 63 -19.24 -21.80 3.91
CA ASN A 63 -19.82 -21.46 5.20
C ASN A 63 -19.31 -22.33 6.34
N GLN A 64 -18.40 -23.25 6.06
CA GLN A 64 -17.83 -24.09 7.11
C GLN A 64 -16.80 -23.28 7.90
N ALA A 65 -16.88 -23.35 9.22
CA ALA A 65 -16.03 -22.50 10.05
C ALA A 65 -14.80 -23.27 10.53
N PHE A 66 -13.63 -22.63 10.41
CA PHE A 66 -12.36 -23.22 10.81
C PHE A 66 -11.64 -22.27 11.76
N LEU A 67 -10.61 -22.77 12.41
CA LEU A 67 -9.71 -21.91 13.15
C LEU A 67 -9.12 -20.88 12.19
N PRO A 68 -9.06 -19.60 12.59
CA PRO A 68 -8.49 -18.58 11.68
C PRO A 68 -6.99 -18.64 11.57
N ALA A 69 -6.29 -19.21 12.55
CA ALA A 69 -4.82 -19.27 12.57
C ALA A 69 -4.27 -17.87 12.32
N SER A 70 -3.27 -17.70 11.45
CA SER A 70 -2.62 -16.41 11.28
C SER A 70 -3.50 -15.35 10.63
N THR A 71 -4.67 -15.71 10.07
CA THR A 71 -5.55 -14.66 9.59
C THR A 71 -6.11 -13.86 10.74
N PHE A 72 -6.03 -14.40 11.97
CA PHE A 72 -6.41 -13.62 13.13
C PHE A 72 -5.48 -12.44 13.38
N LYS A 73 -4.32 -12.39 12.71
CA LYS A 73 -3.47 -11.22 12.87
C LYS A 73 -4.15 -9.94 12.45
N ILE A 74 -5.17 -10.02 11.61
CA ILE A 74 -5.88 -8.80 11.19
C ILE A 74 -6.64 -8.24 12.40
N PRO A 75 -7.61 -8.96 13.00
CA PRO A 75 -8.29 -8.37 14.18
C PRO A 75 -7.35 -8.13 15.34
N ASN A 76 -6.37 -9.02 15.57
CA ASN A 76 -5.43 -8.82 16.67
C ASN A 76 -4.67 -7.52 16.50
N SER A 77 -4.17 -7.24 15.30
CA SER A 77 -3.43 -5.99 15.10
C SER A 77 -4.33 -4.78 15.28
N LEU A 78 -5.55 -4.85 14.75
CA LEU A 78 -6.52 -3.74 14.88
C LEU A 78 -6.76 -3.40 16.34
N ILE A 79 -7.01 -4.42 17.17
CA ILE A 79 -7.30 -4.17 18.58
C ILE A 79 -6.07 -3.63 19.27
N ALA A 80 -4.89 -4.21 18.98
CA ALA A 80 -3.65 -3.75 19.59
C ALA A 80 -3.40 -2.28 19.30
N LEU A 81 -3.60 -1.88 18.04
CA LEU A 81 -3.42 -0.49 17.67
C LEU A 81 -4.46 0.41 18.33
N ASP A 82 -5.72 -0.02 18.31
CA ASP A 82 -6.80 0.82 18.81
C ASP A 82 -6.61 1.08 20.29
N LEU A 83 -6.13 0.09 21.02
CA LEU A 83 -5.95 0.19 22.46
C LEU A 83 -4.61 0.82 22.84
N GLY A 84 -3.76 1.13 21.87
CA GLY A 84 -2.47 1.67 22.22
C GLY A 84 -1.45 0.64 22.63
N VAL A 85 -1.75 -0.65 22.53
CA VAL A 85 -0.75 -1.68 22.82
C VAL A 85 0.41 -1.56 21.85
N VAL A 86 0.10 -1.31 20.58
CA VAL A 86 1.09 -0.97 19.56
C VAL A 86 0.88 0.50 19.21
N LYS A 87 1.95 1.29 19.27
CA LYS A 87 1.84 2.73 19.06
C LYS A 87 1.63 3.07 17.58
N ASP A 88 2.40 2.46 16.69
CA ASP A 88 2.30 2.67 15.24
C ASP A 88 3.02 1.53 14.54
N GLU A 89 3.04 1.59 13.21
CA GLU A 89 3.64 0.56 12.39
C GLU A 89 5.18 0.61 12.40
N HIS A 90 5.77 1.59 13.09
CA HIS A 90 7.23 1.68 13.22
C HIS A 90 7.77 1.13 14.54
N GLN A 91 6.92 0.95 15.55
CA GLN A 91 7.39 0.45 16.84
C GLN A 91 8.08 -0.89 16.68
N VAL A 92 9.27 -1.02 17.26
CA VAL A 92 10.06 -2.23 17.11
C VAL A 92 9.69 -3.20 18.23
N PHE A 93 9.42 -4.45 17.86
CA PHE A 93 9.29 -5.55 18.81
C PHE A 93 10.60 -6.34 18.76
N LYS A 94 11.41 -6.15 19.78
CA LYS A 94 12.73 -6.77 19.88
C LYS A 94 12.67 -8.27 20.14
N TRP A 95 13.57 -9.00 19.51
CA TRP A 95 13.68 -10.48 19.53
C TRP A 95 13.73 -11.30 20.88
N ASP A 96 13.87 -10.63 22.01
CA ASP A 96 13.92 -11.24 23.35
C ASP A 96 14.67 -12.57 23.46
N GLY A 97 15.85 -12.61 22.85
CA GLY A 97 16.72 -13.77 22.91
C GLY A 97 16.30 -15.01 22.14
N GLN A 98 15.26 -15.65 22.66
CA GLN A 98 14.77 -16.93 22.16
C GLN A 98 14.92 -17.18 20.68
N THR A 99 15.71 -18.22 20.37
CA THR A 99 15.97 -18.68 19.02
C THR A 99 15.04 -19.84 18.71
N ARG A 100 13.91 -19.89 19.42
CA ARG A 100 12.84 -20.89 19.30
C ARG A 100 12.63 -21.53 17.92
N ASP A 101 13.52 -22.42 17.47
CA ASP A 101 13.44 -23.05 16.13
C ASP A 101 13.23 -22.16 14.87
N ILE A 102 12.09 -21.49 14.74
CA ILE A 102 11.79 -20.65 13.62
C ILE A 102 12.78 -19.49 13.45
N ALA A 103 13.39 -19.42 12.28
CA ALA A 103 14.36 -18.37 11.99
C ALA A 103 13.73 -17.00 11.77
N THR A 104 12.51 -16.95 11.24
CA THR A 104 11.85 -15.66 11.04
C THR A 104 11.63 -14.93 12.36
N TRP A 105 11.62 -15.66 13.46
N TRP A 105 11.56 -15.66 13.49
CA TRP A 105 11.39 -15.09 14.78
CA TRP A 105 11.39 -15.06 14.81
C TRP A 105 12.72 -14.86 15.50
C TRP A 105 12.72 -14.78 15.49
N ASN A 106 13.81 -14.73 14.73
CA ASN A 106 15.16 -14.52 15.24
C ASN A 106 15.68 -13.15 14.85
N ARG A 107 14.81 -12.14 14.93
CA ARG A 107 15.14 -10.79 14.49
C ARG A 107 14.07 -9.85 15.02
N ASP A 108 14.38 -8.55 14.97
CA ASP A 108 13.39 -7.57 15.38
C ASP A 108 12.29 -7.47 14.33
N HIS A 109 11.12 -6.99 14.75
CA HIS A 109 10.01 -6.81 13.83
C HIS A 109 9.27 -5.52 14.18
N ASN A 110 8.57 -4.97 13.19
CA ASN A 110 7.50 -4.00 13.40
C ASN A 110 6.19 -4.61 12.88
N LEU A 111 5.11 -3.83 12.88
CA LEU A 111 3.81 -4.37 12.46
C LEU A 111 3.85 -4.85 11.01
N ILE A 112 4.55 -4.09 10.14
CA ILE A 112 4.61 -4.45 8.73
C ILE A 112 5.23 -5.83 8.57
N THR A 113 6.40 -6.04 9.18
CA THR A 113 7.09 -7.31 8.98
C THR A 113 6.44 -8.44 9.78
N ALA A 114 5.93 -8.14 10.99
CA ALA A 114 5.26 -9.19 11.75
C ALA A 114 4.01 -9.71 11.02
N MET A 115 3.29 -8.84 10.29
CA MET A 115 2.16 -9.35 9.52
C MET A 115 2.65 -10.32 8.44
N LYS A 116 3.78 -9.97 7.79
CA LYS A 116 4.31 -10.66 6.63
C LYS A 116 4.81 -12.07 6.98
N TYR A 117 5.64 -12.18 8.02
N TYR A 117 5.45 -12.22 8.15
CA TYR A 117 6.27 -13.44 8.40
CA TYR A 117 6.16 -13.43 8.52
C TYR A 117 5.53 -14.10 9.53
C TYR A 117 5.59 -14.08 9.78
N SER A 118 4.42 -13.51 9.95
N SER A 118 5.78 -15.39 9.90
CA SER A 118 3.55 -13.99 11.01
CA SER A 118 5.35 -16.13 11.09
C SER A 118 4.21 -13.80 12.38
C SER A 118 6.19 -15.72 12.31
N VAL A 119 5.16 -14.64 12.78
N VAL A 119 5.61 -14.88 13.18
CA VAL A 119 5.85 -14.55 14.07
CA VAL A 119 6.26 -14.48 14.43
C VAL A 119 4.87 -14.56 15.25
C VAL A 119 5.23 -14.54 15.56
N VAL A 120 4.76 -15.70 15.93
N VAL A 120 4.81 -15.74 15.94
CA VAL A 120 3.69 -15.87 16.91
CA VAL A 120 3.71 -15.89 16.89
C VAL A 120 4.01 -15.23 18.26
C VAL A 120 4.01 -15.26 18.26
N PRO A 121 5.26 -15.21 18.77
CA PRO A 121 5.46 -14.58 20.09
C PRO A 121 5.01 -13.13 20.12
N VAL A 122 5.17 -12.41 19.02
CA VAL A 122 4.79 -11.00 18.97
C VAL A 122 3.28 -10.86 19.17
N TYR A 123 2.50 -11.69 18.46
CA TYR A 123 1.06 -11.60 18.60
C TYR A 123 0.58 -12.22 19.91
N GLN A 124 1.30 -13.21 20.43
CA GLN A 124 1.01 -13.67 21.79
C GLN A 124 1.15 -12.53 22.79
N GLU A 125 2.14 -11.66 22.59
CA GLU A 125 2.34 -10.56 23.51
C GLU A 125 1.22 -9.54 23.39
N PHE A 126 0.80 -9.23 22.17
CA PHE A 126 -0.37 -8.36 22.00
C PHE A 126 -1.56 -8.90 22.81
N ALA A 127 -1.86 -10.19 22.65
CA ALA A 127 -3.10 -10.72 23.21
C ALA A 127 -3.06 -10.71 24.72
N ARG A 128 -1.89 -11.01 25.30
CA ARG A 128 -1.75 -10.97 26.74
C ARG A 128 -1.98 -9.56 27.26
N GLN A 129 -1.48 -8.55 26.53
CA GLN A 129 -1.64 -7.16 26.94
C GLN A 129 -3.07 -6.69 26.75
N ILE A 130 -3.68 -7.03 25.61
CA ILE A 130 -5.11 -6.75 25.42
C ILE A 130 -5.94 -7.39 26.53
N GLY A 131 -5.64 -8.65 26.85
CA GLY A 131 -6.37 -9.35 27.87
C GLY A 131 -7.71 -9.88 27.39
N GLU A 132 -8.22 -10.87 28.11
CA GLU A 132 -9.38 -11.61 27.60
C GLU A 132 -10.66 -10.77 27.62
N ALA A 133 -10.83 -9.90 28.61
CA ALA A 133 -12.05 -9.08 28.65
C ALA A 133 -12.16 -8.19 27.42
N ARG A 134 -11.11 -7.45 27.10
CA ARG A 134 -11.20 -6.57 25.93
C ARG A 134 -11.15 -7.36 24.62
N MET A 135 -10.43 -8.48 24.61
CA MET A 135 -10.44 -9.32 23.41
C MET A 135 -11.85 -9.79 23.10
N SER A 136 -12.54 -10.29 24.09
CA SER A 136 -13.88 -10.76 23.89
C SER A 136 -14.82 -9.66 23.43
N LYS A 137 -14.76 -8.52 24.08
CA LYS A 137 -15.59 -7.39 23.75
C LYS A 137 -15.39 -6.99 22.31
N MET A 138 -14.15 -6.89 21.89
CA MET A 138 -13.82 -6.51 20.54
C MET A 138 -14.29 -7.50 19.49
N LEU A 139 -14.09 -8.78 19.71
CA LEU A 139 -14.56 -9.75 18.73
C LEU A 139 -16.07 -9.75 18.65
N HIS A 140 -16.77 -9.49 19.76
CA HIS A 140 -18.22 -9.35 19.64
C HIS A 140 -18.57 -8.08 18.87
N ALA A 141 -17.86 -6.96 19.12
CA ALA A 141 -18.13 -5.74 18.38
C ALA A 141 -17.81 -5.92 16.90
N PHE A 142 -16.80 -6.72 16.57
CA PHE A 142 -16.47 -7.03 15.18
C PHE A 142 -17.45 -8.02 14.55
N ASP A 143 -18.29 -8.67 15.35
CA ASP A 143 -19.10 -9.79 14.89
C ASP A 143 -18.21 -10.80 14.15
N TYR A 144 -17.11 -11.17 14.79
CA TYR A 144 -16.03 -11.91 14.14
C TYR A 144 -16.26 -13.40 14.35
N GLY A 145 -16.60 -14.11 13.27
CA GLY A 145 -16.75 -15.54 13.36
C GLY A 145 -17.81 -15.93 14.37
N ASN A 146 -17.55 -17.00 15.11
CA ASN A 146 -18.45 -17.39 16.17
C ASN A 146 -18.26 -16.58 17.44
N GLU A 147 -17.44 -15.52 17.41
CA GLU A 147 -17.24 -14.58 18.53
C GLU A 147 -16.90 -15.28 19.84
N ASP A 148 -16.09 -16.34 19.78
CA ASP A 148 -15.80 -17.16 20.96
C ASP A 148 -14.29 -17.22 21.19
N ILE A 149 -13.83 -16.73 22.33
CA ILE A 149 -12.38 -16.74 22.60
C ILE A 149 -12.00 -17.80 23.64
N SER A 150 -12.81 -18.83 23.82
CA SER A 150 -12.47 -19.84 24.83
C SER A 150 -11.12 -20.46 24.52
N GLY A 151 -10.40 -20.83 25.58
CA GLY A 151 -9.05 -21.34 25.48
C GLY A 151 -8.06 -20.36 26.05
N ASN A 152 -6.79 -20.59 25.73
CA ASN A 152 -5.72 -19.72 26.20
C ASN A 152 -5.76 -18.37 25.52
N VAL A 153 -5.66 -17.29 26.31
CA VAL A 153 -5.77 -15.97 25.71
C VAL A 153 -4.65 -15.72 24.71
N ASP A 154 -3.52 -16.41 24.85
CA ASP A 154 -2.37 -16.18 23.98
C ASP A 154 -2.27 -17.22 22.86
N SER A 155 -3.32 -18.03 22.64
CA SER A 155 -3.25 -18.98 21.52
C SER A 155 -4.63 -19.40 21.02
N PHE A 156 -5.73 -18.77 21.42
CA PHE A 156 -7.05 -19.30 21.09
C PHE A 156 -7.32 -19.33 19.59
N TRP A 157 -6.68 -18.44 18.83
CA TRP A 157 -6.89 -18.43 17.38
C TRP A 157 -6.16 -19.58 16.68
N LEU A 158 -5.29 -20.29 17.39
CA LEU A 158 -4.60 -21.49 16.90
C LEU A 158 -5.16 -22.78 17.47
N ASP A 159 -5.58 -22.78 18.74
CA ASP A 159 -6.08 -24.02 19.33
C ASP A 159 -7.24 -23.82 20.30
N GLY A 160 -7.90 -22.67 20.30
CA GLY A 160 -9.04 -22.40 21.14
C GLY A 160 -10.34 -22.67 20.44
N GLY A 161 -11.39 -21.98 20.87
CA GLY A 161 -12.73 -22.22 20.36
C GLY A 161 -13.17 -21.32 19.23
N ILE A 162 -12.38 -20.32 18.86
CA ILE A 162 -12.81 -19.39 17.83
C ILE A 162 -12.83 -20.09 16.48
N ARG A 163 -13.84 -19.78 15.68
CA ARG A 163 -13.99 -20.35 14.36
C ARG A 163 -14.57 -19.29 13.45
N ILE A 164 -14.16 -19.31 12.19
CA ILE A 164 -14.67 -18.36 11.22
C ILE A 164 -14.72 -19.07 9.87
N SER A 165 -15.77 -18.81 9.12
CA SER A 165 -15.91 -19.33 7.78
C SER A 165 -15.38 -18.34 6.74
N ALA A 166 -15.18 -18.86 5.53
CA ALA A 166 -14.73 -17.99 4.43
C ALA A 166 -15.74 -16.86 4.17
N THR A 167 -17.04 -17.15 4.21
CA THR A 167 -18.03 -16.10 4.01
C THR A 167 -17.96 -15.08 5.15
N GLU A 168 -17.70 -15.56 6.36
CA GLU A 168 -17.58 -14.66 7.50
C GLU A 168 -16.31 -13.82 7.41
N GLN A 169 -15.22 -14.39 6.88
CA GLN A 169 -14.02 -13.59 6.62
C GLN A 169 -14.37 -12.43 5.70
N ILE A 170 -15.14 -12.70 4.65
CA ILE A 170 -15.55 -11.64 3.72
C ILE A 170 -16.32 -10.55 4.45
N SER A 171 -17.30 -10.95 5.29
CA SER A 171 -18.13 -9.94 5.97
C SER A 171 -17.26 -9.02 6.81
N PHE A 172 -16.30 -9.61 7.52
CA PHE A 172 -15.38 -8.86 8.36
C PHE A 172 -14.50 -7.93 7.54
N LEU A 173 -13.89 -8.47 6.49
CA LEU A 173 -13.00 -7.68 5.65
C LEU A 173 -13.73 -6.52 4.99
N ARG A 174 -14.98 -6.74 4.57
CA ARG A 174 -15.73 -5.63 3.94
C ARG A 174 -15.85 -4.46 4.89
N LYS A 175 -16.13 -4.74 6.17
CA LYS A 175 -16.20 -3.67 7.16
C LYS A 175 -14.87 -2.96 7.29
N LEU A 176 -13.78 -3.74 7.41
CA LEU A 176 -12.45 -3.16 7.47
C LEU A 176 -12.19 -2.26 6.26
N TYR A 177 -12.50 -2.75 5.06
CA TYR A 177 -12.30 -1.92 3.87
C TYR A 177 -13.06 -0.61 4.00
N HIS A 178 -14.28 -0.65 4.53
CA HIS A 178 -15.08 0.56 4.61
C HIS A 178 -14.82 1.37 5.88
N ASN A 179 -13.79 1.01 6.66
CA ASN A 179 -13.51 1.67 7.95
C ASN A 179 -14.72 1.65 8.87
N LYS A 180 -15.52 0.58 8.76
CA LYS A 180 -16.78 0.44 9.51
C LYS A 180 -16.65 -0.36 10.78
N LEU A 181 -15.48 -0.94 11.07
CA LEU A 181 -15.33 -1.66 12.33
C LEU A 181 -15.27 -0.66 13.48
N HIS A 182 -15.64 -1.11 14.68
CA HIS A 182 -15.73 -0.21 15.83
C HIS A 182 -14.37 -0.09 16.52
N VAL A 183 -13.41 0.37 15.73
CA VAL A 183 -12.13 0.86 16.20
C VAL A 183 -11.84 2.14 15.44
N SER A 184 -10.75 2.80 15.81
CA SER A 184 -10.41 4.08 15.20
C SER A 184 -10.19 3.90 13.70
N GLU A 185 -10.52 4.95 12.94
CA GLU A 185 -10.19 4.94 11.52
C GLU A 185 -8.70 4.71 11.32
N ARG A 186 -7.87 5.35 12.16
CA ARG A 186 -6.42 5.24 12.00
C ARG A 186 -5.96 3.80 12.11
N SER A 187 -6.48 3.05 13.07
CA SER A 187 -6.05 1.67 13.22
C SER A 187 -6.41 0.83 12.00
N GLN A 188 -7.60 1.06 11.44
CA GLN A 188 -7.99 0.34 10.24
C GLN A 188 -7.10 0.72 9.05
N ARG A 189 -6.75 2.01 8.93
CA ARG A 189 -5.83 2.40 7.85
C ARG A 189 -4.47 1.73 8.01
N ILE A 190 -3.96 1.64 9.25
CA ILE A 190 -2.64 1.05 9.43
C ILE A 190 -2.66 -0.43 9.12
N VAL A 191 -3.66 -1.15 9.60
CA VAL A 191 -3.72 -2.59 9.32
C VAL A 191 -3.83 -2.84 7.82
N LYS A 192 -4.61 -2.02 7.13
CA LYS A 192 -4.74 -2.20 5.69
C LYS A 192 -3.42 -1.91 4.98
N GLN A 193 -2.65 -0.96 5.50
CA GLN A 193 -1.30 -0.78 4.99
C GLN A 193 -0.48 -2.04 5.21
N ALA A 194 -0.53 -2.60 6.42
CA ALA A 194 0.24 -3.79 6.74
C ALA A 194 -0.19 -5.01 5.92
N MET A 195 -1.44 -5.03 5.46
CA MET A 195 -1.94 -6.13 4.65
C MET A 195 -1.46 -6.06 3.20
N LEU A 196 -0.80 -4.98 2.80
CA LEU A 196 -0.38 -4.86 1.41
C LEU A 196 0.47 -6.06 1.01
N THR A 197 0.06 -6.73 -0.05
CA THR A 197 0.76 -7.92 -0.53
C THR A 197 1.35 -7.76 -1.92
N GLU A 198 0.60 -7.19 -2.84
CA GLU A 198 1.04 -7.08 -4.23
C GLU A 198 0.36 -5.85 -4.82
N ALA A 199 1.07 -5.13 -5.70
CA ALA A 199 0.41 -4.03 -6.38
C ALA A 199 1.13 -3.75 -7.68
N ASN A 200 0.38 -3.38 -8.70
CA ASN A 200 0.93 -3.07 -10.01
C ASN A 200 -0.07 -2.17 -10.71
N GLY A 201 0.12 -1.93 -12.01
CA GLY A 201 -0.76 -1.02 -12.71
C GLY A 201 -2.16 -1.55 -12.95
N ASP A 202 -2.40 -2.82 -12.63
CA ASP A 202 -3.68 -3.46 -12.87
C ASP A 202 -4.48 -3.71 -11.61
N TYR A 203 -3.82 -3.94 -10.48
CA TYR A 203 -4.58 -4.27 -9.28
C TYR A 203 -3.72 -4.03 -8.05
N ILE A 204 -4.40 -3.95 -6.91
CA ILE A 204 -3.77 -3.94 -5.59
C ILE A 204 -4.39 -5.06 -4.78
N ILE A 205 -3.56 -5.90 -4.16
CA ILE A 205 -4.04 -6.97 -3.29
C ILE A 205 -3.58 -6.67 -1.87
N ARG A 206 -4.55 -6.61 -0.95
CA ARG A 206 -4.30 -6.55 0.49
C ARG A 206 -4.86 -7.85 1.04
N ALA A 207 -4.03 -8.63 1.75
CA ALA A 207 -4.45 -9.98 2.09
C ALA A 207 -3.62 -10.51 3.25
N LYS A 208 -4.01 -11.68 3.74
CA LYS A 208 -3.31 -12.32 4.86
C LYS A 208 -3.42 -13.83 4.70
N THR A 209 -2.31 -14.53 4.84
CA THR A 209 -2.29 -15.99 4.80
C THR A 209 -2.54 -16.55 6.20
N GLY A 210 -2.89 -17.84 6.23
CA GLY A 210 -2.92 -18.58 7.48
C GLY A 210 -2.71 -20.05 7.19
N TYR A 211 -2.25 -20.76 8.22
CA TYR A 211 -1.99 -22.20 8.14
C TYR A 211 -2.40 -22.78 9.48
N SER A 212 -3.51 -23.50 9.50
CA SER A 212 -4.04 -24.07 10.72
C SER A 212 -3.57 -25.52 10.83
N THR A 213 -2.72 -25.81 11.84
CA THR A 213 -2.21 -27.16 12.02
C THR A 213 -2.52 -27.78 13.37
N ARG A 214 -2.82 -27.00 14.40
CA ARG A 214 -2.86 -27.55 15.75
C ARG A 214 -4.12 -28.38 16.02
N ILE A 215 -5.17 -28.20 15.22
CA ILE A 215 -6.38 -28.98 15.35
C ILE A 215 -6.80 -29.39 13.96
N GLU A 216 -7.18 -30.66 13.80
CA GLU A 216 -7.61 -31.15 12.51
C GLU A 216 -8.89 -30.43 12.08
N PRO A 217 -9.09 -30.23 10.76
CA PRO A 217 -8.22 -30.68 9.68
C PRO A 217 -7.16 -29.62 9.35
N LYS A 218 -6.00 -30.05 8.87
CA LYS A 218 -4.97 -29.07 8.55
C LYS A 218 -5.41 -28.29 7.32
N ILE A 219 -5.49 -26.97 7.44
CA ILE A 219 -5.99 -26.15 6.33
C ILE A 219 -5.11 -24.91 6.17
N GLY A 220 -5.07 -24.39 4.95
CA GLY A 220 -4.42 -23.14 4.65
C GLY A 220 -5.48 -22.12 4.28
N TRP A 221 -5.24 -20.86 4.63
CA TRP A 221 -6.13 -19.74 4.39
C TRP A 221 -5.42 -18.70 3.51
N TRP A 222 -6.20 -17.99 2.71
CA TRP A 222 -5.78 -16.71 2.14
C TRP A 222 -7.02 -15.85 2.03
N VAL A 223 -7.04 -14.70 2.69
CA VAL A 223 -8.21 -13.84 2.71
C VAL A 223 -7.76 -12.43 2.42
N GLY A 224 -8.61 -11.66 1.74
CA GLY A 224 -8.29 -10.27 1.49
C GLY A 224 -9.14 -9.67 0.41
N TRP A 225 -8.56 -8.81 -0.42
CA TRP A 225 -9.35 -8.23 -1.50
C TRP A 225 -8.41 -7.72 -2.58
N VAL A 226 -9.02 -7.46 -3.74
CA VAL A 226 -8.36 -6.96 -4.93
C VAL A 226 -8.97 -5.60 -5.22
N GLU A 227 -8.15 -4.56 -5.17
CA GLU A 227 -8.62 -3.22 -5.50
C GLU A 227 -8.37 -2.97 -6.99
N LEU A 228 -9.44 -2.69 -7.72
CA LEU A 228 -9.40 -2.23 -9.09
C LEU A 228 -9.70 -0.73 -9.14
N ASP A 229 -9.52 -0.14 -10.32
CA ASP A 229 -9.86 1.28 -10.50
C ASP A 229 -11.29 1.57 -10.07
N ASP A 230 -12.22 0.68 -10.37
CA ASP A 230 -13.65 1.00 -10.29
C ASP A 230 -14.45 0.00 -9.47
N ASN A 231 -13.81 -0.90 -8.75
CA ASN A 231 -14.53 -1.94 -8.01
C ASN A 231 -13.56 -2.55 -7.02
N VAL A 232 -14.09 -3.31 -6.07
CA VAL A 232 -13.29 -4.11 -5.16
C VAL A 232 -13.86 -5.51 -5.17
N TRP A 233 -12.98 -6.51 -5.27
CA TRP A 233 -13.36 -7.91 -5.21
C TRP A 233 -12.74 -8.48 -3.95
N PHE A 234 -13.59 -8.84 -2.99
CA PHE A 234 -13.12 -9.50 -1.78
C PHE A 234 -12.99 -10.99 -2.03
N PHE A 235 -12.00 -11.61 -1.38
CA PHE A 235 -11.87 -13.05 -1.52
C PHE A 235 -11.52 -13.68 -0.18
N ALA A 236 -11.91 -14.94 -0.03
CA ALA A 236 -11.51 -15.78 1.08
C ALA A 236 -11.46 -17.20 0.57
N MET A 237 -10.33 -17.86 0.73
CA MET A 237 -10.19 -19.26 0.33
C MET A 237 -9.58 -20.03 1.48
N ASN A 238 -9.97 -21.29 1.58
CA ASN A 238 -9.19 -22.22 2.37
C ASN A 238 -9.13 -23.55 1.63
N MET A 239 -8.12 -24.34 1.97
CA MET A 239 -7.86 -25.57 1.24
C MET A 239 -7.18 -26.55 2.19
N ASP A 240 -7.44 -27.84 2.00
CA ASP A 240 -6.75 -28.84 2.78
C ASP A 240 -5.24 -28.71 2.55
N MET A 241 -4.48 -28.89 3.62
CA MET A 241 -3.05 -28.62 3.63
C MET A 241 -2.36 -29.69 4.45
N PRO A 242 -2.34 -30.93 3.95
CA PRO A 242 -1.71 -32.02 4.73
C PRO A 242 -0.23 -31.79 5.03
N THR A 243 0.52 -31.10 4.17
CA THR A 243 1.90 -30.73 4.48
C THR A 243 2.14 -29.29 4.06
N SER A 244 3.25 -28.73 4.54
CA SER A 244 3.59 -27.35 4.21
C SER A 244 4.01 -27.16 2.75
N ASP A 245 4.23 -28.24 2.00
CA ASP A 245 4.69 -28.10 0.61
C ASP A 245 3.61 -27.52 -0.30
N GLY A 246 2.35 -27.57 0.09
CA GLY A 246 1.33 -26.98 -0.75
C GLY A 246 0.98 -25.55 -0.42
N LEU A 247 1.72 -24.91 0.50
CA LEU A 247 1.30 -23.59 0.98
C LEU A 247 1.17 -22.59 -0.18
N GLY A 248 2.10 -22.65 -1.14
CA GLY A 248 2.03 -21.74 -2.28
C GLY A 248 0.77 -21.88 -3.12
N LEU A 249 0.06 -23.00 -3.00
CA LEU A 249 -1.15 -23.20 -3.79
C LEU A 249 -2.29 -22.29 -3.32
N ARG A 250 -2.22 -21.77 -2.09
CA ARG A 250 -3.24 -20.81 -1.65
C ARG A 250 -3.30 -19.62 -2.61
N GLN A 251 -2.17 -18.94 -2.80
CA GLN A 251 -2.14 -17.81 -3.71
C GLN A 251 -2.33 -18.26 -5.15
N ALA A 252 -1.69 -19.37 -5.53
CA ALA A 252 -1.73 -19.81 -6.92
C ALA A 252 -3.16 -20.06 -7.36
N ILE A 253 -3.91 -20.84 -6.57
CA ILE A 253 -5.26 -21.21 -6.98
C ILE A 253 -6.18 -20.00 -6.94
N THR A 254 -6.04 -19.16 -5.92
CA THR A 254 -6.86 -17.96 -5.88
C THR A 254 -6.63 -17.12 -7.12
N LYS A 255 -5.38 -16.95 -7.52
CA LYS A 255 -5.08 -16.08 -8.65
C LYS A 255 -5.58 -16.70 -9.94
N GLU A 256 -5.57 -18.03 -10.03
CA GLU A 256 -6.12 -18.64 -11.23
C GLU A 256 -7.62 -18.45 -11.31
N VAL A 257 -8.33 -18.47 -10.17
CA VAL A 257 -9.75 -18.17 -10.19
C VAL A 257 -10.00 -16.72 -10.57
N LEU A 258 -9.21 -15.78 -10.00
CA LEU A 258 -9.32 -14.37 -10.39
C LEU A 258 -9.03 -14.18 -11.87
N LYS A 259 -8.01 -14.87 -12.38
CA LYS A 259 -7.71 -14.76 -13.82
C LYS A 259 -8.83 -15.35 -14.66
N GLN A 260 -9.35 -16.51 -14.26
CA GLN A 260 -10.43 -17.12 -15.02
C GLN A 260 -11.63 -16.19 -15.12
N GLU A 261 -11.93 -15.46 -14.06
CA GLU A 261 -13.06 -14.54 -14.03
C GLU A 261 -12.73 -13.19 -14.66
N LYS A 262 -11.51 -13.02 -15.16
CA LYS A 262 -11.03 -11.78 -15.80
C LYS A 262 -10.96 -10.61 -14.82
N ILE A 263 -10.82 -10.90 -13.52
CA ILE A 263 -10.63 -9.85 -12.53
C ILE A 263 -9.21 -9.30 -12.57
N ILE A 264 -8.23 -10.14 -12.86
CA ILE A 264 -6.85 -9.70 -13.09
C ILE A 264 -6.42 -10.34 -14.41
N PRO A 265 -5.50 -9.71 -15.15
CA PRO A 265 -5.07 -10.23 -16.45
C PRO A 265 -4.24 -11.51 -16.33
N GLU B 24 28.45 13.50 3.08
CA GLU B 24 27.39 14.48 2.77
C GLU B 24 26.48 13.96 1.66
N TRP B 25 26.93 14.14 0.41
CA TRP B 25 26.27 13.58 -0.76
C TRP B 25 27.36 13.02 -1.65
N GLN B 26 27.46 11.70 -1.73
CA GLN B 26 28.51 11.10 -2.55
C GLN B 26 28.10 11.07 -4.01
N GLU B 27 29.04 11.42 -4.88
CA GLU B 27 28.83 11.43 -6.32
C GLU B 27 29.37 10.12 -6.89
N ASN B 28 28.48 9.24 -7.35
CA ASN B 28 28.87 7.98 -7.99
C ASN B 28 28.59 8.16 -9.49
N LYS B 29 29.62 8.62 -10.21
CA LYS B 29 29.46 8.92 -11.63
C LYS B 29 29.26 7.65 -12.46
N SER B 30 29.56 6.47 -11.92
CA SER B 30 29.30 5.25 -12.66
C SER B 30 27.83 5.09 -12.99
N TRP B 31 26.94 5.86 -12.33
CA TRP B 31 25.54 5.83 -12.70
C TRP B 31 25.30 6.50 -14.05
N ASN B 32 26.16 7.46 -14.43
CA ASN B 32 26.02 8.13 -15.72
C ASN B 32 25.98 7.13 -16.87
N ALA B 33 26.50 5.92 -16.68
CA ALA B 33 26.42 4.90 -17.72
C ALA B 33 24.97 4.61 -18.10
N HIS B 34 24.07 4.59 -17.11
CA HIS B 34 22.68 4.23 -17.39
C HIS B 34 21.95 5.30 -18.21
N PHE B 35 22.28 6.57 -18.01
CA PHE B 35 21.79 7.59 -18.94
C PHE B 35 22.48 7.47 -20.28
N THR B 36 23.80 7.22 -20.26
CA THR B 36 24.60 7.15 -21.48
C THR B 36 24.09 6.08 -22.44
N GLU B 37 23.79 4.87 -21.91
CA GLU B 37 23.34 3.79 -22.78
C GLU B 37 22.04 4.15 -23.48
N HIS B 38 21.13 4.83 -22.79
CA HIS B 38 19.84 5.16 -23.37
C HIS B 38 19.84 6.50 -24.09
N LYS B 39 21.03 7.11 -24.24
CA LYS B 39 21.17 8.40 -24.91
C LYS B 39 20.32 9.47 -24.22
N SER B 40 20.62 9.69 -22.94
CA SER B 40 19.82 10.60 -22.13
C SER B 40 20.71 11.40 -21.21
N GLN B 41 20.20 12.55 -20.80
CA GLN B 41 20.84 13.32 -19.76
C GLN B 41 19.87 13.49 -18.60
N GLY B 42 20.39 13.34 -17.38
CA GLY B 42 19.57 13.54 -16.21
C GLY B 42 20.33 13.19 -14.95
N VAL B 43 19.59 13.26 -13.84
CA VAL B 43 20.14 13.03 -12.52
C VAL B 43 19.25 12.06 -11.77
N VAL B 44 19.88 11.18 -10.99
CA VAL B 44 19.20 10.32 -10.03
C VAL B 44 19.79 10.63 -8.67
N VAL B 45 18.94 10.79 -7.66
CA VAL B 45 19.36 11.03 -6.29
C VAL B 45 18.71 9.97 -5.41
N LEU B 46 19.51 9.35 -4.55
CA LEU B 46 19.04 8.37 -3.59
C LEU B 46 19.37 8.84 -2.18
N TRP B 47 18.52 8.48 -1.23
CA TRP B 47 18.80 8.77 0.17
C TRP B 47 18.54 7.50 0.96
N ASN B 48 19.55 7.08 1.71
CA ASN B 48 19.47 5.92 2.57
C ASN B 48 19.00 6.43 3.93
N GLU B 49 17.76 6.08 4.33
CA GLU B 49 17.23 6.67 5.55
C GLU B 49 17.93 6.14 6.79
N ASN B 50 18.25 4.84 6.84
CA ASN B 50 18.95 4.31 8.00
C ASN B 50 20.30 4.96 8.18
N LYS B 51 21.07 5.08 7.09
CA LYS B 51 22.45 5.57 7.15
C LYS B 51 22.57 7.08 7.08
N GLN B 52 21.47 7.77 6.76
CA GLN B 52 21.44 9.23 6.65
C GLN B 52 22.49 9.71 5.65
N GLN B 53 22.49 9.07 4.48
CA GLN B 53 23.52 9.26 3.46
C GLN B 53 22.86 9.35 2.10
N GLY B 54 23.31 10.31 1.28
CA GLY B 54 22.76 10.54 -0.04
C GLY B 54 23.78 10.24 -1.13
N PHE B 55 23.26 9.92 -2.33
CA PHE B 55 24.06 9.50 -3.47
C PHE B 55 23.45 10.07 -4.74
N THR B 56 24.30 10.52 -5.66
CA THR B 56 23.80 11.06 -6.92
C THR B 56 24.90 10.94 -7.97
N ASN B 57 24.46 10.87 -9.24
CA ASN B 57 25.42 10.88 -10.35
C ASN B 57 25.89 12.28 -10.71
N ASN B 58 25.23 13.33 -10.20
CA ASN B 58 25.48 14.69 -10.69
C ASN B 58 25.03 15.66 -9.58
N LEU B 59 25.97 16.05 -8.72
CA LEU B 59 25.64 16.94 -7.61
C LEU B 59 25.06 18.26 -8.10
N LYS B 60 25.56 18.78 -9.22
CA LYS B 60 25.05 20.06 -9.71
C LYS B 60 23.60 19.93 -10.17
N ARG B 61 23.30 18.95 -11.02
CA ARG B 61 21.93 18.79 -11.47
C ARG B 61 21.02 18.33 -10.34
N ALA B 62 21.57 17.65 -9.34
CA ALA B 62 20.77 17.23 -8.19
C ALA B 62 20.13 18.44 -7.50
N ASN B 63 20.82 19.58 -7.48
CA ASN B 63 20.33 20.76 -6.81
C ASN B 63 19.76 21.79 -7.76
N GLN B 64 19.68 21.47 -9.04
CA GLN B 64 19.02 22.34 -10.01
C GLN B 64 17.51 22.26 -9.83
N ALA B 65 16.86 23.41 -9.68
CA ALA B 65 15.44 23.48 -9.40
C ALA B 65 14.65 23.61 -10.70
N PHE B 66 13.58 22.82 -10.84
CA PHE B 66 12.71 22.82 -12.00
C PHE B 66 11.25 22.97 -11.57
N LEU B 67 10.38 23.24 -12.54
CA LEU B 67 8.96 23.13 -12.29
C LEU B 67 8.61 21.71 -11.83
N PRO B 68 7.73 21.56 -10.84
CA PRO B 68 7.42 20.22 -10.34
C PRO B 68 6.51 19.44 -11.26
N ALA B 69 5.74 20.12 -12.12
CA ALA B 69 4.71 19.50 -12.96
C ALA B 69 3.81 18.60 -12.10
N SER B 70 3.52 17.39 -12.56
CA SER B 70 2.56 16.55 -11.83
C SER B 70 3.13 15.95 -10.55
N THR B 71 4.43 16.09 -10.26
CA THR B 71 4.88 15.73 -8.92
C THR B 71 4.22 16.62 -7.88
N PHE B 72 3.70 17.77 -8.30
CA PHE B 72 2.97 18.64 -7.39
C PHE B 72 1.67 18.02 -6.91
N LYS B 73 1.20 16.95 -7.55
CA LYS B 73 0.03 16.27 -7.05
C LYS B 73 0.21 15.75 -5.63
N ILE B 74 1.45 15.58 -5.17
CA ILE B 74 1.64 15.11 -3.81
C ILE B 74 1.26 16.21 -2.83
N PRO B 75 1.89 17.41 -2.84
CA PRO B 75 1.45 18.43 -1.88
C PRO B 75 0.03 18.92 -2.15
N ASN B 76 -0.37 19.01 -3.41
CA ASN B 76 -1.73 19.42 -3.71
C ASN B 76 -2.74 18.51 -3.03
N SER B 77 -2.53 17.19 -3.16
CA SER B 77 -3.42 16.21 -2.53
C SER B 77 -3.45 16.40 -1.02
N LEU B 78 -2.27 16.56 -0.41
CA LEU B 78 -2.19 16.72 1.05
C LEU B 78 -2.98 17.91 1.52
N ILE B 79 -2.80 19.06 0.84
CA ILE B 79 -3.49 20.27 1.24
C ILE B 79 -4.99 20.13 1.06
N ALA B 80 -5.41 19.59 -0.09
CA ALA B 80 -6.85 19.36 -0.32
C ALA B 80 -7.46 18.52 0.79
N LEU B 81 -6.80 17.42 1.15
CA LEU B 81 -7.33 16.55 2.20
C LEU B 81 -7.37 17.26 3.53
N ASP B 82 -6.26 17.91 3.90
CA ASP B 82 -6.19 18.56 5.20
C ASP B 82 -7.25 19.65 5.34
N LEU B 83 -7.60 20.31 4.25
CA LEU B 83 -8.60 21.38 4.31
C LEU B 83 -10.01 20.89 4.04
N GLY B 84 -10.20 19.58 3.84
CA GLY B 84 -11.53 19.09 3.57
C GLY B 84 -12.03 19.35 2.17
N VAL B 85 -11.20 19.89 1.29
CA VAL B 85 -11.57 19.98 -0.12
C VAL B 85 -11.79 18.58 -0.68
N VAL B 86 -10.98 17.62 -0.23
CA VAL B 86 -11.19 16.22 -0.52
C VAL B 86 -11.56 15.55 0.78
N LYS B 87 -12.74 14.93 0.81
CA LYS B 87 -13.23 14.31 2.03
C LYS B 87 -12.44 13.05 2.36
N ASP B 88 -12.20 12.19 1.37
CA ASP B 88 -11.42 10.97 1.58
C ASP B 88 -11.08 10.43 0.19
N GLU B 89 -10.42 9.28 0.16
CA GLU B 89 -9.97 8.70 -1.10
C GLU B 89 -11.11 8.04 -1.88
N HIS B 90 -12.34 8.08 -1.38
CA HIS B 90 -13.49 7.53 -2.09
C HIS B 90 -14.36 8.60 -2.75
N GLN B 91 -14.22 9.85 -2.34
CA GLN B 91 -15.03 10.90 -2.91
C GLN B 91 -14.86 10.96 -4.43
N VAL B 92 -15.97 11.12 -5.13
CA VAL B 92 -16.01 11.06 -6.58
C VAL B 92 -15.93 12.48 -7.14
N PHE B 93 -15.00 12.69 -8.07
CA PHE B 93 -14.88 13.96 -8.78
C PHE B 93 -15.40 13.76 -10.20
N LYS B 94 -16.54 14.38 -10.48
CA LYS B 94 -17.22 14.19 -11.75
C LYS B 94 -16.41 14.76 -12.90
N TRP B 95 -16.22 13.95 -13.94
CA TRP B 95 -15.72 14.49 -15.21
C TRP B 95 -16.53 15.72 -15.61
N ASP B 96 -15.84 16.78 -16.01
CA ASP B 96 -16.57 17.99 -16.35
C ASP B 96 -17.17 17.95 -17.75
N GLY B 97 -17.02 16.84 -18.48
CA GLY B 97 -17.60 16.73 -19.80
C GLY B 97 -16.76 17.28 -20.93
N GLN B 98 -15.59 17.84 -20.64
CA GLN B 98 -14.68 18.26 -21.71
C GLN B 98 -13.80 17.08 -22.09
N THR B 99 -13.87 16.68 -23.35
CA THR B 99 -13.06 15.58 -23.86
C THR B 99 -11.64 16.10 -24.09
N ARG B 100 -10.71 15.66 -23.25
CA ARG B 100 -9.32 16.12 -23.33
C ARG B 100 -8.45 15.04 -23.99
N ASP B 101 -7.16 15.36 -24.12
CA ASP B 101 -6.29 14.57 -24.98
C ASP B 101 -6.00 13.19 -24.39
N ILE B 102 -5.84 13.10 -23.08
CA ILE B 102 -5.51 11.83 -22.44
C ILE B 102 -6.84 11.15 -22.11
N ALA B 103 -7.10 10.01 -22.76
CA ALA B 103 -8.42 9.38 -22.68
C ALA B 103 -8.79 9.05 -21.24
N THR B 104 -7.82 8.65 -20.41
CA THR B 104 -8.14 8.26 -19.04
C THR B 104 -8.64 9.43 -18.20
N TRP B 105 -8.40 10.67 -18.62
CA TRP B 105 -8.94 11.83 -17.92
C TRP B 105 -10.44 12.04 -18.15
N ASN B 106 -11.02 11.40 -19.16
CA ASN B 106 -12.38 11.72 -19.60
C ASN B 106 -13.44 10.86 -18.91
N ARG B 107 -13.39 10.84 -17.58
CA ARG B 107 -14.27 9.99 -16.78
C ARG B 107 -14.19 10.47 -15.34
N ASP B 108 -15.10 9.97 -14.50
CA ASP B 108 -15.08 10.27 -13.07
C ASP B 108 -13.84 9.69 -12.40
N HIS B 109 -13.41 10.31 -11.31
CA HIS B 109 -12.22 9.87 -10.61
C HIS B 109 -12.36 10.07 -9.11
N ASN B 110 -11.65 9.24 -8.34
CA ASN B 110 -11.40 9.52 -6.93
C ASN B 110 -9.92 9.86 -6.78
N LEU B 111 -9.47 10.05 -5.54
CA LEU B 111 -8.07 10.43 -5.33
C LEU B 111 -7.12 9.35 -5.84
N ILE B 112 -7.45 8.07 -5.62
CA ILE B 112 -6.54 7.00 -6.01
C ILE B 112 -6.34 7.01 -7.52
N THR B 113 -7.44 7.03 -8.28
CA THR B 113 -7.29 6.95 -9.73
C THR B 113 -6.86 8.28 -10.33
N ALA B 114 -7.19 9.42 -9.70
CA ALA B 114 -6.68 10.69 -10.22
C ALA B 114 -5.17 10.76 -10.09
N MET B 115 -4.62 10.22 -9.00
CA MET B 115 -3.17 10.12 -8.87
C MET B 115 -2.60 9.15 -9.89
N LYS B 116 -3.20 7.96 -10.00
CA LYS B 116 -2.69 6.93 -10.90
C LYS B 116 -2.61 7.41 -12.35
N TYR B 117 -3.62 8.13 -12.82
CA TYR B 117 -3.64 8.57 -14.20
C TYR B 117 -3.30 10.05 -14.34
N SER B 118 -2.77 10.65 -13.27
CA SER B 118 -2.27 12.03 -13.29
C SER B 118 -3.30 12.96 -13.93
N VAL B 119 -4.50 12.97 -13.35
CA VAL B 119 -5.64 13.70 -13.92
C VAL B 119 -5.59 15.18 -13.54
N VAL B 120 -4.96 15.97 -14.41
CA VAL B 120 -4.73 17.39 -14.09
C VAL B 120 -6.02 18.16 -13.81
N PRO B 121 -7.11 18.01 -14.59
CA PRO B 121 -8.31 18.83 -14.31
C PRO B 121 -8.81 18.70 -12.90
N VAL B 122 -8.72 17.50 -12.32
CA VAL B 122 -9.20 17.28 -10.95
C VAL B 122 -8.35 18.09 -9.97
N TYR B 123 -7.05 18.14 -10.21
CA TYR B 123 -6.16 18.86 -9.32
C TYR B 123 -6.22 20.37 -9.53
N GLN B 124 -6.49 20.81 -10.75
CA GLN B 124 -6.72 22.25 -10.95
C GLN B 124 -7.97 22.70 -10.21
N GLU B 125 -9.00 21.85 -10.17
CA GLU B 125 -10.17 22.17 -9.35
C GLU B 125 -9.79 22.23 -7.87
N PHE B 126 -9.03 21.24 -7.39
CA PHE B 126 -8.54 21.29 -6.01
C PHE B 126 -7.89 22.62 -5.70
N ALA B 127 -7.03 23.08 -6.61
CA ALA B 127 -6.23 24.28 -6.36
C ALA B 127 -7.10 25.52 -6.26
N ARG B 128 -8.14 25.62 -7.10
CA ARG B 128 -9.04 26.78 -7.03
C ARG B 128 -9.80 26.79 -5.71
N GLN B 129 -10.23 25.62 -5.23
CA GLN B 129 -10.96 25.58 -3.98
C GLN B 129 -10.05 25.88 -2.81
N ILE B 130 -8.80 25.44 -2.88
CA ILE B 130 -7.83 25.75 -1.81
C ILE B 130 -7.61 27.26 -1.77
N GLY B 131 -7.39 27.86 -2.92
CA GLY B 131 -7.20 29.30 -2.93
C GLY B 131 -5.75 29.71 -2.77
N GLU B 132 -5.42 30.86 -3.37
CA GLU B 132 -4.06 31.39 -3.34
C GLU B 132 -3.49 31.45 -1.93
N ALA B 133 -4.26 32.01 -0.98
CA ALA B 133 -3.69 32.32 0.33
C ALA B 133 -3.38 31.05 1.11
N ARG B 134 -4.33 30.11 1.15
CA ARG B 134 -4.04 28.87 1.87
C ARG B 134 -2.97 28.05 1.17
N MET B 135 -2.93 28.10 -0.16
CA MET B 135 -1.91 27.35 -0.89
C MET B 135 -0.52 27.85 -0.53
N SER B 136 -0.32 29.17 -0.60
CA SER B 136 0.97 29.77 -0.25
C SER B 136 1.35 29.43 1.17
N LYS B 137 0.41 29.60 2.11
CA LYS B 137 0.72 29.33 3.52
C LYS B 137 1.14 27.88 3.72
N MET B 138 0.50 26.94 3.02
CA MET B 138 0.84 25.54 3.17
C MET B 138 2.20 25.22 2.56
N LEU B 139 2.48 25.75 1.37
CA LEU B 139 3.76 25.49 0.74
C LEU B 139 4.91 26.04 1.59
N HIS B 140 4.68 27.18 2.24
CA HIS B 140 5.64 27.71 3.21
C HIS B 140 5.77 26.77 4.41
N ALA B 141 4.63 26.33 4.95
CA ALA B 141 4.67 25.37 6.05
C ALA B 141 5.45 24.12 5.64
N PHE B 142 5.32 23.69 4.38
CA PHE B 142 6.00 22.51 3.87
C PHE B 142 7.47 22.75 3.55
N ASP B 143 7.90 24.02 3.48
CA ASP B 143 9.22 24.34 2.96
C ASP B 143 9.44 23.69 1.59
N TYR B 144 8.44 23.83 0.73
CA TYR B 144 8.37 23.10 -0.53
C TYR B 144 9.08 23.89 -1.61
N GLY B 145 10.24 23.40 -2.04
CA GLY B 145 10.95 24.04 -3.14
C GLY B 145 11.28 25.48 -2.80
N ASN B 146 10.98 26.40 -3.73
CA ASN B 146 11.22 27.81 -3.48
C ASN B 146 10.00 28.53 -2.89
N GLU B 147 8.92 27.81 -2.58
CA GLU B 147 7.77 28.36 -1.87
C GLU B 147 7.08 29.49 -2.65
N ASP B 148 7.27 29.56 -3.96
CA ASP B 148 6.81 30.67 -4.78
C ASP B 148 5.66 30.18 -5.65
N ILE B 149 4.46 30.72 -5.44
CA ILE B 149 3.32 30.25 -6.25
C ILE B 149 2.83 31.34 -7.18
N SER B 150 3.75 32.19 -7.65
CA SER B 150 3.38 33.21 -8.61
C SER B 150 2.85 32.57 -9.88
N GLY B 151 1.81 33.16 -10.44
CA GLY B 151 1.10 32.62 -11.58
C GLY B 151 -0.34 32.35 -11.23
N ASN B 152 -0.99 31.60 -12.11
CA ASN B 152 -2.40 31.26 -11.91
C ASN B 152 -2.53 30.20 -10.83
N VAL B 153 -3.49 30.40 -9.93
CA VAL B 153 -3.62 29.50 -8.78
C VAL B 153 -3.81 28.06 -9.23
N ASP B 154 -4.34 27.84 -10.43
CA ASP B 154 -4.58 26.50 -10.94
C ASP B 154 -3.58 26.05 -11.99
N SER B 155 -2.45 26.75 -12.13
CA SER B 155 -1.44 26.25 -13.06
C SER B 155 -0.02 26.60 -12.65
N PHE B 156 0.21 27.20 -11.48
CA PHE B 156 1.54 27.70 -11.17
C PHE B 156 2.59 26.58 -11.13
N TRP B 157 2.19 25.36 -10.80
CA TRP B 157 3.13 24.24 -10.78
C TRP B 157 3.43 23.71 -12.17
N LEU B 158 2.71 24.19 -13.19
CA LEU B 158 2.98 23.91 -14.59
C LEU B 158 3.72 25.04 -15.29
N ASP B 159 3.33 26.30 -15.06
CA ASP B 159 3.94 27.42 -15.76
C ASP B 159 4.13 28.66 -14.89
N GLY B 160 3.93 28.57 -13.58
CA GLY B 160 4.17 29.68 -12.68
C GLY B 160 5.59 29.71 -12.17
N GLY B 161 5.76 30.28 -10.99
CA GLY B 161 7.09 30.52 -10.44
C GLY B 161 7.62 29.48 -9.48
N ILE B 162 6.88 28.40 -9.18
CA ILE B 162 7.38 27.42 -8.23
C ILE B 162 8.48 26.60 -8.86
N ARG B 163 9.50 26.29 -8.06
CA ARG B 163 10.64 25.49 -8.51
C ARG B 163 11.07 24.58 -7.37
N ILE B 164 11.49 23.37 -7.72
CA ILE B 164 11.98 22.43 -6.72
C ILE B 164 13.08 21.58 -7.36
N SER B 165 14.12 21.29 -6.58
CA SER B 165 15.20 20.43 -7.05
C SER B 165 14.93 18.99 -6.63
N ALA B 166 15.72 18.09 -7.20
CA ALA B 166 15.63 16.67 -6.82
C ALA B 166 15.99 16.47 -5.35
N THR B 167 17.02 17.18 -4.85
CA THR B 167 17.31 17.06 -3.43
C THR B 167 16.17 17.64 -2.59
N GLU B 168 15.54 18.71 -3.07
CA GLU B 168 14.43 19.30 -2.30
C GLU B 168 13.19 18.42 -2.34
N GLN B 169 13.01 17.62 -3.40
CA GLN B 169 11.94 16.63 -3.39
C GLN B 169 12.16 15.62 -2.28
N ILE B 170 13.40 15.11 -2.17
CA ILE B 170 13.73 14.15 -1.12
C ILE B 170 13.40 14.74 0.24
N SER B 171 13.87 15.97 0.48
CA SER B 171 13.63 16.61 1.77
C SER B 171 12.14 16.59 2.11
N PHE B 172 11.31 17.02 1.17
CA PHE B 172 9.85 17.03 1.37
C PHE B 172 9.29 15.62 1.58
N LEU B 173 9.73 14.66 0.78
CA LEU B 173 9.19 13.30 0.87
C LEU B 173 9.56 12.65 2.19
N ARG B 174 10.78 12.90 2.69
CA ARG B 174 11.16 12.36 3.98
C ARG B 174 10.22 12.83 5.08
N LYS B 175 9.81 14.10 5.04
CA LYS B 175 8.85 14.58 6.03
C LYS B 175 7.53 13.84 5.90
N LEU B 176 7.05 13.71 4.66
CA LEU B 176 5.81 13.01 4.39
C LEU B 176 5.86 11.58 4.93
N TYR B 177 6.93 10.85 4.60
CA TYR B 177 7.12 9.50 5.10
C TYR B 177 7.01 9.44 6.63
N HIS B 178 7.59 10.41 7.33
CA HIS B 178 7.58 10.38 8.79
C HIS B 178 6.35 11.06 9.41
N ASN B 179 5.37 11.45 8.60
CA ASN B 179 4.18 12.16 9.07
C ASN B 179 4.53 13.49 9.73
N LYS B 180 5.60 14.14 9.27
CA LYS B 180 6.11 15.33 9.94
C LYS B 180 5.67 16.63 9.28
N LEU B 181 4.97 16.58 8.15
CA LEU B 181 4.47 17.81 7.54
C LEU B 181 3.37 18.40 8.41
N HIS B 182 3.16 19.70 8.28
CA HIS B 182 2.21 20.42 9.12
CA HIS B 182 2.21 20.42 9.12
C HIS B 182 0.79 20.30 8.55
N VAL B 183 0.35 19.03 8.43
CA VAL B 183 -1.03 18.67 8.15
C VAL B 183 -1.36 17.48 9.05
N SER B 184 -2.62 17.07 9.03
CA SER B 184 -3.03 15.95 9.87
C SER B 184 -2.30 14.67 9.48
N GLU B 185 -2.10 13.80 10.46
CA GLU B 185 -1.53 12.49 10.17
C GLU B 185 -2.37 11.76 9.14
N ARG B 186 -3.69 11.88 9.25
CA ARG B 186 -4.60 11.20 8.34
C ARG B 186 -4.35 11.60 6.90
N SER B 187 -4.20 12.91 6.65
CA SER B 187 -3.91 13.40 5.30
C SER B 187 -2.68 12.73 4.74
N GLN B 188 -1.62 12.67 5.55
CA GLN B 188 -0.37 12.11 5.08
C GLN B 188 -0.48 10.62 4.81
N ARG B 189 -1.25 9.89 5.65
CA ARG B 189 -1.47 8.47 5.39
C ARG B 189 -2.26 8.26 4.09
N ILE B 190 -3.29 9.07 3.87
CA ILE B 190 -4.09 8.89 2.67
C ILE B 190 -3.25 9.17 1.43
N VAL B 191 -2.46 10.24 1.45
CA VAL B 191 -1.64 10.55 0.27
C VAL B 191 -0.61 9.44 0.02
N LYS B 192 -0.03 8.87 1.07
CA LYS B 192 0.93 7.80 0.88
C LYS B 192 0.25 6.55 0.34
N GLN B 193 -0.98 6.28 0.75
CA GLN B 193 -1.76 5.23 0.09
C GLN B 193 -1.92 5.53 -1.39
N ALA B 194 -2.33 6.75 -1.72
CA ALA B 194 -2.56 7.13 -3.13
C ALA B 194 -1.28 7.14 -3.95
N MET B 195 -0.10 7.27 -3.32
CA MET B 195 1.15 7.20 -4.07
C MET B 195 1.56 5.78 -4.42
N LEU B 196 0.89 4.77 -3.88
CA LEU B 196 1.31 3.38 -4.11
C LEU B 196 1.40 3.10 -5.60
N THR B 197 2.54 2.60 -6.03
CA THR B 197 2.79 2.30 -7.44
C THR B 197 3.04 0.83 -7.70
N GLU B 198 3.85 0.19 -6.85
CA GLU B 198 4.26 -1.18 -7.11
C GLU B 198 4.56 -1.81 -5.76
N ALA B 199 4.24 -3.09 -5.62
CA ALA B 199 4.60 -3.80 -4.40
C ALA B 199 4.72 -5.28 -4.72
N ASN B 200 5.72 -5.93 -4.11
CA ASN B 200 5.92 -7.37 -4.22
C ASN B 200 6.55 -7.83 -2.92
N GLY B 201 6.95 -9.10 -2.87
CA GLY B 201 7.56 -9.62 -1.65
C GLY B 201 8.90 -8.98 -1.30
N ASP B 202 9.51 -8.27 -2.24
CA ASP B 202 10.81 -7.66 -2.00
C ASP B 202 10.75 -6.17 -1.71
N TYR B 203 9.75 -5.46 -2.23
CA TYR B 203 9.75 -4.02 -2.00
C TYR B 203 8.39 -3.44 -2.27
N ILE B 204 8.22 -2.20 -1.80
CA ILE B 204 7.06 -1.36 -2.05
C ILE B 204 7.59 -0.03 -2.57
N ILE B 205 7.05 0.44 -3.70
CA ILE B 205 7.38 1.74 -4.23
C ILE B 205 6.18 2.65 -4.13
N ARG B 206 6.36 3.82 -3.51
CA ARG B 206 5.37 4.89 -3.51
C ARG B 206 6.01 6.08 -4.21
N ALA B 207 5.37 6.61 -5.24
CA ALA B 207 6.06 7.53 -6.11
C ALA B 207 5.06 8.29 -6.97
N LYS B 208 5.54 9.29 -7.69
CA LYS B 208 4.70 10.05 -8.60
C LYS B 208 5.56 10.58 -9.75
N THR B 209 5.10 10.36 -10.99
CA THR B 209 5.79 10.86 -12.18
C THR B 209 5.40 12.29 -12.48
N GLY B 210 6.21 12.95 -13.31
CA GLY B 210 5.85 14.25 -13.83
C GLY B 210 6.56 14.51 -15.13
N TYR B 211 5.98 15.40 -15.93
CA TYR B 211 6.50 15.76 -17.26
C TYR B 211 6.22 17.24 -17.44
N SER B 212 7.26 18.07 -17.36
CA SER B 212 7.09 19.51 -17.49
C SER B 212 7.47 19.92 -18.91
N THR B 213 6.51 20.47 -19.63
CA THR B 213 6.67 20.84 -21.03
C THR B 213 6.38 22.30 -21.30
N ARG B 214 5.52 22.93 -20.49
CA ARG B 214 5.05 24.29 -20.76
C ARG B 214 6.15 25.33 -20.66
N ILE B 215 7.26 25.04 -19.99
CA ILE B 215 8.42 25.93 -19.96
C ILE B 215 9.66 25.09 -20.20
N GLU B 216 10.54 25.58 -21.05
CA GLU B 216 11.81 24.91 -21.29
C GLU B 216 12.68 25.00 -20.04
N PRO B 217 13.51 23.99 -19.77
CA PRO B 217 13.64 22.77 -20.58
C PRO B 217 12.52 21.76 -20.32
N LYS B 218 12.21 20.96 -21.33
CA LYS B 218 11.28 19.85 -21.16
C LYS B 218 11.97 18.75 -20.37
N ILE B 219 11.34 18.31 -19.28
CA ILE B 219 11.95 17.32 -18.39
C ILE B 219 10.87 16.40 -17.84
N GLY B 220 11.28 15.19 -17.50
CA GLY B 220 10.43 14.22 -16.83
C GLY B 220 10.98 13.96 -15.44
N TRP B 221 10.07 13.71 -14.51
CA TRP B 221 10.37 13.49 -13.09
C TRP B 221 9.94 12.09 -12.66
N TRP B 222 10.63 11.52 -11.68
CA TRP B 222 10.07 10.44 -10.88
C TRP B 222 10.60 10.63 -9.47
N VAL B 223 9.70 10.74 -8.49
CA VAL B 223 10.09 10.97 -7.11
C VAL B 223 9.25 10.06 -6.22
N GLY B 224 9.84 9.60 -5.14
CA GLY B 224 9.14 8.71 -4.22
C GLY B 224 10.15 8.02 -3.32
N TRP B 225 9.81 6.79 -2.94
CA TRP B 225 10.74 6.03 -2.11
C TRP B 225 10.42 4.55 -2.25
N VAL B 226 11.40 3.74 -1.85
CA VAL B 226 11.34 2.28 -1.90
C VAL B 226 11.34 1.79 -0.46
N GLU B 227 10.29 1.08 -0.07
CA GLU B 227 10.18 0.56 1.29
C GLU B 227 10.67 -0.87 1.31
N LEU B 228 11.64 -1.16 2.17
CA LEU B 228 12.15 -2.50 2.41
C LEU B 228 11.74 -2.97 3.81
N ASP B 229 12.00 -4.24 4.10
CA ASP B 229 11.76 -4.73 5.45
C ASP B 229 12.43 -3.85 6.50
N ASP B 230 13.69 -3.53 6.27
CA ASP B 230 14.50 -2.84 7.25
C ASP B 230 14.98 -1.43 7.00
N ASN B 231 14.57 -0.82 5.92
CA ASN B 231 15.11 0.48 5.54
C ASN B 231 14.15 1.12 4.55
N VAL B 232 14.38 2.41 4.29
CA VAL B 232 13.64 3.13 3.27
C VAL B 232 14.66 3.91 2.44
N TRP B 233 14.57 3.76 1.12
CA TRP B 233 15.42 4.48 0.17
C TRP B 233 14.55 5.49 -0.54
N PHE B 234 14.80 6.78 -0.28
CA PHE B 234 14.09 7.82 -1.02
C PHE B 234 14.80 8.07 -2.35
N PHE B 235 14.03 8.45 -3.36
CA PHE B 235 14.62 8.80 -4.65
C PHE B 235 13.91 9.97 -5.30
N ALA B 236 14.68 10.72 -6.07
CA ALA B 236 14.15 11.74 -6.95
C ALA B 236 15.05 11.78 -8.17
N MET B 237 14.45 11.68 -9.35
CA MET B 237 15.20 11.77 -10.58
C MET B 237 14.50 12.74 -11.51
N ASN B 238 15.28 13.39 -12.36
CA ASN B 238 14.71 14.08 -13.50
C ASN B 238 15.70 13.94 -14.64
N MET B 239 15.17 14.02 -15.86
CA MET B 239 15.98 13.84 -17.06
C MET B 239 15.42 14.74 -18.16
N ASP B 240 16.30 15.10 -19.09
CA ASP B 240 15.86 15.82 -20.28
C ASP B 240 14.91 14.96 -21.10
N MET B 241 13.80 15.55 -21.55
CA MET B 241 12.72 14.81 -22.18
C MET B 241 12.19 15.62 -23.36
N PRO B 242 12.93 15.64 -24.47
CA PRO B 242 12.48 16.42 -25.63
C PRO B 242 11.12 15.98 -26.15
N THR B 243 10.91 14.67 -26.25
CA THR B 243 9.67 14.13 -26.77
C THR B 243 9.06 13.17 -25.75
N SER B 244 7.77 12.91 -25.95
CA SER B 244 7.04 11.92 -25.16
C SER B 244 7.60 10.51 -25.34
N ASP B 245 8.48 10.30 -26.32
CA ASP B 245 9.09 9.00 -26.56
C ASP B 245 9.68 8.42 -25.28
N GLY B 246 10.65 9.14 -24.69
CA GLY B 246 11.47 8.63 -23.61
C GLY B 246 10.84 8.54 -22.25
N LEU B 247 9.51 8.68 -22.14
CA LEU B 247 8.88 8.77 -20.84
C LEU B 247 9.06 7.48 -20.03
N GLY B 248 9.16 6.32 -20.69
CA GLY B 248 9.37 5.07 -19.98
C GLY B 248 10.72 4.96 -19.32
N LEU B 249 11.66 5.81 -19.70
CA LEU B 249 13.02 5.76 -19.18
C LEU B 249 13.11 6.33 -17.77
N ARG B 250 12.13 7.12 -17.36
CA ARG B 250 12.16 7.68 -16.00
C ARG B 250 12.20 6.58 -14.97
N GLN B 251 11.29 5.60 -15.09
CA GLN B 251 11.29 4.45 -14.19
C GLN B 251 12.40 3.46 -14.52
N ALA B 252 12.70 3.29 -15.80
CA ALA B 252 13.69 2.29 -16.19
C ALA B 252 15.08 2.67 -15.67
N ILE B 253 15.50 3.91 -15.87
CA ILE B 253 16.83 4.32 -15.44
C ILE B 253 16.95 4.27 -13.92
N THR B 254 15.94 4.81 -13.21
CA THR B 254 15.94 4.73 -11.76
C THR B 254 16.11 3.30 -11.29
N LYS B 255 15.42 2.37 -11.93
CA LYS B 255 15.47 0.98 -11.49
C LYS B 255 16.80 0.33 -11.83
N GLU B 256 17.43 0.72 -12.93
CA GLU B 256 18.79 0.25 -13.18
C GLU B 256 19.73 0.68 -12.06
N VAL B 257 19.60 1.93 -11.62
CA VAL B 257 20.40 2.43 -10.51
C VAL B 257 20.11 1.63 -9.25
N LEU B 258 18.83 1.50 -8.90
CA LEU B 258 18.43 0.73 -7.72
C LEU B 258 19.03 -0.68 -7.77
N LYS B 259 18.92 -1.34 -8.94
CA LYS B 259 19.47 -2.68 -9.10
C LYS B 259 21.00 -2.66 -8.97
N GLN B 260 21.66 -1.70 -9.60
CA GLN B 260 23.12 -1.63 -9.48
C GLN B 260 23.54 -1.55 -8.02
N GLU B 261 22.84 -0.75 -7.22
CA GLU B 261 23.13 -0.66 -5.79
C GLU B 261 22.53 -1.80 -5.00
N LYS B 262 21.89 -2.77 -5.66
CA LYS B 262 21.34 -3.95 -5.00
C LYS B 262 20.28 -3.59 -3.97
N ILE B 263 19.55 -2.50 -4.24
CA ILE B 263 18.43 -2.12 -3.40
C ILE B 263 17.21 -2.96 -3.72
N ILE B 264 17.00 -3.26 -5.01
CA ILE B 264 15.93 -4.15 -5.43
C ILE B 264 16.56 -5.34 -6.16
N PRO B 265 15.93 -6.53 -6.13
CA PRO B 265 16.57 -7.72 -6.71
C PRO B 265 16.81 -7.55 -8.19
#